data_7BZZ
#
_entry.id   7BZZ
#
_cell.length_a   39.795
_cell.length_b   39.795
_cell.length_c   132.173
_cell.angle_alpha   90.000
_cell.angle_beta   90.000
_cell.angle_gamma   120.000
#
_symmetry.space_group_name_H-M   'P 31'
#
loop_
_entity.id
_entity.type
_entity.pdbx_description
1 polymer 'Scavenger receptor class A member 5'
2 non-polymer 2-acetamido-2-deoxy-beta-D-glucopyranose
3 non-polymer 'CALCIUM ION'
4 water water
#
_entity_poly.entity_id   1
_entity_poly.type   'polypeptide(L)'
_entity_poly.pdbx_seq_one_letter_code
;MDFTMIRLVNGSGPHQGRVEVFHDRRWGTVCDDGWDKKDGDVVCRMLGFHGVEEVYRTARFGQGTGRIWMDDVNCKGTES
SIFHCQFSKWGVTNCGHAEDAGVTCTSHHHHHH
;
_entity_poly.pdbx_strand_id   A,D
#
loop_
_chem_comp.id
_chem_comp.type
_chem_comp.name
_chem_comp.formula
CA non-polymer 'CALCIUM ION' 'Ca 2'
NAG D-saccharide, beta linking 2-acetamido-2-deoxy-beta-D-glucopyranose 'C8 H15 N O6'
#
# COMPACT_ATOMS: atom_id res chain seq x y z
N MET A 1 -13.06 -4.39 3.48
CA MET A 1 -12.41 -3.55 4.48
C MET A 1 -10.95 -3.95 4.71
N ASP A 2 -10.59 -5.16 4.26
CA ASP A 2 -9.28 -5.74 4.55
C ASP A 2 -8.21 -5.36 3.54
N PHE A 3 -8.61 -5.00 2.35
CA PHE A 3 -7.68 -4.66 1.25
C PHE A 3 -6.69 -3.57 1.66
N THR A 4 -7.01 -2.76 2.65
CA THR A 4 -6.11 -1.68 3.06
C THR A 4 -4.92 -2.21 3.87
N MET A 5 -5.11 -3.32 4.59
CA MET A 5 -4.16 -3.75 5.60
C MET A 5 -3.09 -4.69 5.05
N ILE A 6 -2.89 -4.72 3.73
CA ILE A 6 -1.89 -5.59 3.13
C ILE A 6 -1.18 -4.83 2.02
N ARG A 7 0.15 -4.93 2.00
CA ARG A 7 0.96 -4.32 0.96
C ARG A 7 2.05 -5.31 0.54
N LEU A 8 2.49 -5.17 -0.70
CA LEU A 8 3.63 -5.90 -1.25
C LEU A 8 4.78 -4.92 -1.36
N VAL A 9 5.88 -5.20 -0.65
CA VAL A 9 6.94 -4.24 -0.42
C VAL A 9 8.21 -4.71 -1.08
N ASN A 10 8.94 -3.79 -1.72
CA ASN A 10 10.30 -4.03 -2.18
C ASN A 10 10.35 -4.87 -3.44
N GLY A 11 9.26 -4.91 -4.20
CA GLY A 11 9.25 -5.56 -5.50
C GLY A 11 9.57 -4.58 -6.60
N SER A 12 9.48 -5.08 -7.84
CA SER A 12 9.56 -4.24 -9.01
C SER A 12 8.38 -3.27 -9.13
N GLY A 13 7.34 -3.48 -8.34
CA GLY A 13 6.13 -2.69 -8.42
C GLY A 13 5.17 -3.16 -7.36
N PRO A 14 4.07 -2.40 -7.15
CA PRO A 14 3.13 -2.76 -6.07
C PRO A 14 2.39 -4.07 -6.30
N HIS A 15 2.68 -4.78 -7.39
CA HIS A 15 2.12 -6.09 -7.66
C HIS A 15 2.98 -7.24 -7.15
N GLN A 16 4.10 -6.93 -6.50
CA GLN A 16 5.10 -7.93 -6.19
C GLN A 16 5.91 -7.48 -4.98
N GLY A 17 6.29 -8.43 -4.14
CA GLY A 17 7.25 -8.16 -3.10
C GLY A 17 6.95 -8.96 -1.85
N ARG A 18 7.70 -8.62 -0.80
CA ARG A 18 7.47 -9.15 0.54
C ARG A 18 6.08 -8.76 1.03
N VAL A 19 5.37 -9.75 1.56
CA VAL A 19 4.01 -9.55 2.06
C VAL A 19 4.08 -8.91 3.44
N GLU A 20 3.45 -7.75 3.58
CA GLU A 20 3.36 -7.07 4.87
C GLU A 20 1.89 -6.81 5.16
N VAL A 21 1.47 -7.13 6.37
CA VAL A 21 0.10 -6.89 6.81
C VAL A 21 0.14 -5.88 7.94
N PHE A 22 -0.96 -5.13 8.07
CA PHE A 22 -1.11 -4.16 9.15
C PHE A 22 -1.97 -4.80 10.25
N HIS A 23 -1.42 -4.88 11.45
CA HIS A 23 -2.17 -5.39 12.58
C HIS A 23 -1.75 -4.65 13.83
N ASP A 24 -2.71 -4.48 14.73
CA ASP A 24 -2.48 -3.86 16.03
C ASP A 24 -1.43 -2.76 15.94
N ARG A 25 -1.64 -1.83 14.99
CA ARG A 25 -0.94 -0.55 15.00
C ARG A 25 0.32 -0.56 14.17
N ARG A 26 0.74 -1.70 13.59
CA ARG A 26 2.06 -1.75 12.99
C ARG A 26 2.04 -2.74 11.83
N TRP A 27 2.97 -2.52 10.90
CA TRP A 27 3.19 -3.43 9.79
C TRP A 27 4.12 -4.56 10.23
N GLY A 28 3.84 -5.76 9.75
CA GLY A 28 4.62 -6.94 10.08
C GLY A 28 4.59 -7.90 8.92
N THR A 29 5.56 -8.82 8.91
CA THR A 29 5.74 -9.71 7.78
C THR A 29 4.97 -11.01 8.01
N VAL A 30 5.07 -11.92 7.04
CA VAL A 30 4.40 -13.22 7.07
C VAL A 30 5.44 -14.30 6.82
N CYS A 31 5.41 -15.34 7.64
CA CYS A 31 6.39 -16.42 7.53
C CYS A 31 6.03 -17.36 6.39
N ASP A 32 7.05 -17.99 5.81
CA ASP A 32 6.89 -18.85 4.64
C ASP A 32 6.48 -20.28 4.97
N ASP A 33 6.42 -20.66 6.25
CA ASP A 33 6.05 -22.03 6.59
C ASP A 33 4.68 -22.35 6.00
N GLY A 34 4.63 -23.23 5.01
CA GLY A 34 3.37 -23.52 4.37
C GLY A 34 2.89 -22.42 3.45
N TRP A 35 3.77 -21.53 3.04
CA TRP A 35 3.41 -20.47 2.10
C TRP A 35 3.39 -21.06 0.69
N ASP A 36 2.21 -21.06 0.05
CA ASP A 36 2.02 -21.76 -1.20
C ASP A 36 1.13 -20.92 -2.11
N LYS A 37 0.69 -21.53 -3.22
CA LYS A 37 -0.02 -20.78 -4.25
C LYS A 37 -1.46 -20.48 -3.86
N LYS A 38 -2.06 -21.28 -2.98
CA LYS A 38 -3.39 -20.92 -2.47
C LYS A 38 -3.34 -19.61 -1.72
N ASP A 39 -2.39 -19.48 -0.77
CA ASP A 39 -2.22 -18.23 -0.05
C ASP A 39 -1.88 -17.08 -1.00
N GLY A 40 -1.00 -17.35 -1.96
CA GLY A 40 -0.66 -16.31 -2.93
C GLY A 40 -1.86 -15.84 -3.73
N ASP A 41 -2.70 -16.76 -4.14
CA ASP A 41 -3.92 -16.40 -4.86
C ASP A 41 -4.82 -15.53 -4.00
N VAL A 42 -4.98 -15.90 -2.71
CA VAL A 42 -5.82 -15.11 -1.82
C VAL A 42 -5.27 -13.69 -1.69
N VAL A 43 -4.00 -13.56 -1.48
CA VAL A 43 -3.33 -12.24 -1.30
C VAL A 43 -3.46 -11.44 -2.58
N CYS A 44 -3.28 -12.06 -3.73
CA CYS A 44 -3.29 -11.29 -4.96
C CYS A 44 -4.70 -10.86 -5.34
N ARG A 45 -5.71 -11.64 -4.95
CA ARG A 45 -7.07 -11.26 -5.30
C ARG A 45 -7.68 -10.27 -4.30
N MET A 46 -7.29 -10.33 -3.02
CA MET A 46 -7.77 -9.29 -2.10
C MET A 46 -7.21 -7.92 -2.45
N LEU A 47 -6.08 -7.87 -3.15
CA LEU A 47 -5.48 -6.61 -3.57
C LEU A 47 -6.00 -6.13 -4.92
N GLY A 48 -6.72 -6.96 -5.67
CA GLY A 48 -7.33 -6.55 -6.92
C GLY A 48 -6.71 -7.12 -8.17
N PHE A 49 -5.73 -7.98 -8.05
CA PHE A 49 -5.08 -8.63 -9.22
C PHE A 49 -5.89 -9.88 -9.56
N HIS A 50 -6.04 -10.20 -10.83
CA HIS A 50 -6.78 -11.39 -11.30
C HIS A 50 -6.19 -12.71 -10.81
N GLY A 51 -4.87 -12.82 -10.64
CA GLY A 51 -4.35 -14.08 -10.10
C GLY A 51 -2.98 -13.91 -9.50
N VAL A 52 -2.36 -15.02 -9.14
CA VAL A 52 -1.00 -15.06 -8.59
C VAL A 52 -0.07 -15.69 -9.61
N GLU A 53 1.06 -15.03 -9.85
CA GLU A 53 2.08 -15.55 -10.74
C GLU A 53 3.09 -16.43 -10.01
N GLU A 54 3.40 -16.10 -8.76
CA GLU A 54 4.43 -16.88 -8.08
C GLU A 54 4.44 -16.55 -6.60
N VAL A 55 4.86 -17.53 -5.80
CA VAL A 55 5.12 -17.35 -4.38
C VAL A 55 6.60 -17.61 -4.14
N TYR A 56 7.15 -16.94 -3.15
CA TYR A 56 8.58 -17.02 -2.82
C TYR A 56 8.73 -17.22 -1.32
N ARG A 57 9.63 -18.09 -0.90
CA ARG A 57 10.00 -18.26 0.49
C ARG A 57 11.36 -17.64 0.73
N THR A 58 11.82 -17.72 1.97
CA THR A 58 13.18 -17.33 2.35
C THR A 58 13.51 -15.91 1.89
N ALA A 59 12.59 -15.00 2.15
CA ALA A 59 12.83 -13.56 2.00
C ALA A 59 13.41 -13.25 0.62
N ARG A 60 12.77 -13.73 -0.41
CA ARG A 60 13.02 -13.39 -1.81
C ARG A 60 13.23 -11.88 -1.98
N PHE A 61 12.42 -11.07 -1.31
CA PHE A 61 12.46 -9.63 -1.46
C PHE A 61 13.03 -8.97 -0.21
N GLY A 62 14.06 -9.58 0.36
CA GLY A 62 14.73 -9.03 1.51
C GLY A 62 13.97 -9.31 2.79
N GLN A 63 14.67 -9.11 3.92
CA GLN A 63 14.11 -9.36 5.22
C GLN A 63 13.36 -8.12 5.71
N GLY A 64 12.10 -8.30 6.07
CA GLY A 64 11.38 -7.26 6.77
C GLY A 64 12.01 -7.00 8.12
N THR A 65 11.41 -6.11 8.90
CA THR A 65 11.86 -5.84 10.26
C THR A 65 10.63 -5.82 11.17
N GLY A 66 10.85 -5.70 12.46
CA GLY A 66 9.75 -5.55 13.41
C GLY A 66 9.02 -6.84 13.64
N ARG A 67 7.73 -6.90 13.43
CA ARG A 67 6.98 -8.09 13.83
C ARG A 67 6.65 -9.02 12.65
N ILE A 68 6.89 -10.31 12.78
CA ILE A 68 6.28 -11.30 11.86
C ILE A 68 4.89 -11.51 12.47
N TRP A 69 3.82 -11.12 11.83
CA TRP A 69 2.48 -11.16 12.38
C TRP A 69 1.77 -12.48 12.15
N MET A 70 2.03 -13.16 11.03
CA MET A 70 1.32 -14.38 10.66
C MET A 70 2.30 -15.51 10.39
N ASP A 71 1.88 -16.73 10.73
CA ASP A 71 2.67 -17.94 10.54
C ASP A 71 1.70 -19.10 10.28
N ASP A 72 2.18 -20.11 9.57
CA ASP A 72 1.39 -21.30 9.27
C ASP A 72 0.09 -20.96 8.53
N VAL A 73 0.21 -20.08 7.54
CA VAL A 73 -0.95 -19.58 6.79
C VAL A 73 -1.47 -20.69 5.89
N ASN A 74 -2.71 -21.11 6.04
CA ASN A 74 -3.25 -22.29 5.35
C ASN A 74 -4.54 -21.88 4.67
N CYS A 75 -4.43 -21.04 3.67
CA CYS A 75 -5.57 -20.65 2.86
C CYS A 75 -6.07 -21.83 2.04
N LYS A 76 -7.39 -21.91 1.88
CA LYS A 76 -7.95 -22.86 0.92
C LYS A 76 -7.70 -22.42 -0.51
N GLY A 77 -7.52 -21.11 -0.73
CA GLY A 77 -7.36 -20.54 -2.06
C GLY A 77 -8.60 -19.88 -2.58
N THR A 78 -9.68 -19.90 -1.82
CA THR A 78 -10.95 -19.33 -2.23
C THR A 78 -11.29 -18.01 -1.54
N GLU A 79 -10.52 -17.64 -0.52
CA GLU A 79 -10.92 -16.60 0.42
C GLU A 79 -10.91 -15.22 -0.22
N SER A 80 -11.73 -14.33 0.36
CA SER A 80 -11.77 -12.94 -0.07
C SER A 80 -10.67 -12.11 0.57
N SER A 81 -10.26 -12.49 1.78
CA SER A 81 -9.22 -11.80 2.52
C SER A 81 -8.30 -12.84 3.12
N ILE A 82 -6.99 -12.52 3.16
CA ILE A 82 -6.06 -13.44 3.79
C ILE A 82 -6.45 -13.71 5.24
N PHE A 83 -6.99 -12.69 5.92
CA PHE A 83 -7.31 -12.83 7.34
C PHE A 83 -8.49 -13.78 7.57
N HIS A 84 -9.25 -14.10 6.54
CA HIS A 84 -10.26 -15.16 6.65
C HIS A 84 -9.65 -16.55 6.60
N CYS A 85 -8.38 -16.66 6.23
CA CYS A 85 -7.71 -17.94 6.17
C CYS A 85 -7.40 -18.46 7.57
N GLN A 86 -7.24 -19.78 7.67
CA GLN A 86 -6.69 -20.36 8.88
C GLN A 86 -5.21 -20.06 8.97
N PHE A 87 -4.77 -19.51 10.09
CA PHE A 87 -3.36 -19.23 10.30
C PHE A 87 -3.11 -19.16 11.80
N SER A 88 -1.87 -18.82 12.17
CA SER A 88 -1.47 -18.77 13.56
C SER A 88 -2.28 -17.72 14.29
N LYS A 89 -2.08 -17.61 15.61
CA LYS A 89 -2.53 -16.43 16.32
C LYS A 89 -1.58 -15.28 15.99
N TRP A 90 -2.11 -14.07 16.10
CA TRP A 90 -1.34 -12.89 15.73
C TRP A 90 -0.03 -12.86 16.51
N GLY A 91 1.07 -12.72 15.76
CA GLY A 91 2.38 -12.56 16.34
C GLY A 91 3.00 -13.80 16.94
N VAL A 92 2.33 -14.94 16.85
CA VAL A 92 2.85 -16.19 17.41
C VAL A 92 3.43 -16.99 16.26
N THR A 93 4.75 -16.94 16.09
CA THR A 93 5.44 -17.68 15.05
C THR A 93 6.67 -18.36 15.63
N ASN A 94 7.12 -19.38 14.90
CA ASN A 94 8.40 -20.06 15.16
C ASN A 94 9.38 -19.74 14.04
N CYS A 95 9.46 -18.49 13.61
CA CYS A 95 10.24 -18.09 12.45
C CYS A 95 11.15 -16.90 12.76
N GLY A 96 12.05 -16.64 11.82
CA GLY A 96 12.82 -15.41 11.76
C GLY A 96 12.55 -14.69 10.45
N HIS A 97 12.84 -13.39 10.38
CA HIS A 97 12.56 -12.65 9.17
C HIS A 97 13.26 -13.22 7.95
N ALA A 98 14.30 -14.05 8.14
CA ALA A 98 14.91 -14.77 7.04
C ALA A 98 13.88 -15.61 6.27
N GLU A 99 12.69 -15.80 6.85
CA GLU A 99 11.65 -16.63 6.25
C GLU A 99 10.46 -15.79 5.76
N ASP A 100 10.65 -14.49 5.59
CA ASP A 100 9.54 -13.62 5.20
C ASP A 100 9.06 -13.98 3.81
N ALA A 101 7.75 -14.22 3.69
CA ALA A 101 7.18 -14.68 2.44
C ALA A 101 7.00 -13.54 1.45
N GLY A 102 7.10 -13.88 0.17
CA GLY A 102 6.85 -12.93 -0.87
C GLY A 102 5.96 -13.53 -1.97
N VAL A 103 5.48 -12.63 -2.81
CA VAL A 103 4.62 -13.01 -3.94
C VAL A 103 4.75 -12.05 -5.12
N THR A 104 4.48 -12.60 -6.30
CA THR A 104 4.31 -11.82 -7.52
C THR A 104 2.92 -12.12 -8.06
N CYS A 105 2.11 -11.07 -8.22
CA CYS A 105 0.73 -11.19 -8.69
C CYS A 105 0.64 -10.98 -10.20
N THR A 106 -0.50 -11.41 -10.77
CA THR A 106 -0.76 -11.23 -12.18
C THR A 106 -1.08 -9.77 -12.45
N SER A 107 -0.26 -9.11 -13.27
CA SER A 107 -0.44 -7.70 -13.56
C SER A 107 -0.21 -7.45 -15.04
N HIS A 108 -0.91 -6.44 -15.56
CA HIS A 108 -0.76 -6.00 -16.93
C HIS A 108 -0.45 -4.51 -16.93
N HIS A 109 0.82 -4.18 -17.17
CA HIS A 109 1.35 -2.86 -16.89
C HIS A 109 0.91 -1.80 -17.92
N MET B 1 -7.67 0.01 -11.98
CA MET B 1 -6.28 -0.40 -12.14
C MET B 1 -5.32 0.52 -11.37
N ASP B 2 -5.78 1.71 -11.01
CA ASP B 2 -4.88 2.74 -10.43
C ASP B 2 -4.82 2.70 -8.91
N PHE B 3 -5.59 1.86 -8.26
CA PHE B 3 -5.69 1.81 -6.78
C PHE B 3 -4.43 1.22 -6.15
N THR B 4 -3.66 0.45 -6.90
CA THR B 4 -2.42 -0.15 -6.37
C THR B 4 -1.29 0.87 -6.45
N MET B 5 -1.40 1.93 -7.24
CA MET B 5 -0.24 2.81 -7.38
C MET B 5 -0.24 3.98 -6.39
N ILE B 6 -1.06 3.92 -5.37
CA ILE B 6 -1.10 5.00 -4.37
C ILE B 6 -1.08 4.37 -2.97
N ARG B 7 -0.30 4.91 -2.05
CA ARG B 7 -0.24 4.48 -0.67
C ARG B 7 -0.17 5.70 0.24
N LEU B 8 -0.67 5.55 1.46
CA LEU B 8 -0.56 6.54 2.51
C LEU B 8 0.46 6.01 3.50
N VAL B 9 1.55 6.77 3.70
CA VAL B 9 2.74 6.28 4.39
C VAL B 9 2.95 7.07 5.66
N ASN B 10 3.29 6.37 6.75
CA ASN B 10 3.79 7.02 7.97
C ASN B 10 2.68 7.63 8.79
N GLY B 11 1.45 7.16 8.59
CA GLY B 11 0.35 7.58 9.44
C GLY B 11 0.13 6.62 10.59
N SER B 12 -0.94 6.89 11.34
CA SER B 12 -1.39 5.97 12.36
C SER B 12 -1.90 4.65 11.80
N GLY B 13 -2.11 4.58 10.49
CA GLY B 13 -2.70 3.43 9.85
C GLY B 13 -2.73 3.68 8.36
N PRO B 14 -3.03 2.63 7.57
CA PRO B 14 -3.05 2.78 6.12
C PRO B 14 -4.13 3.70 5.60
N HIS B 15 -4.93 4.29 6.47
CA HIS B 15 -5.94 5.27 6.10
C HIS B 15 -5.42 6.71 6.15
N GLN B 16 -4.16 6.91 6.49
CA GLN B 16 -3.64 8.24 6.78
C GLN B 16 -2.14 8.27 6.53
N GLY B 17 -1.66 9.39 6.03
CA GLY B 17 -0.24 9.63 5.97
C GLY B 17 0.14 10.44 4.74
N ARG B 18 1.44 10.53 4.54
CA ARG B 18 2.03 11.13 3.35
C ARG B 18 1.59 10.37 2.11
N VAL B 19 1.14 11.12 1.10
CA VAL B 19 0.66 10.54 -0.14
C VAL B 19 1.86 10.16 -1.00
N GLU B 20 1.95 8.87 -1.36
CA GLU B 20 3.00 8.41 -2.26
C GLU B 20 2.33 7.70 -3.42
N VAL B 21 2.76 8.03 -4.63
CA VAL B 21 2.26 7.40 -5.85
C VAL B 21 3.40 6.62 -6.49
N PHE B 22 3.04 5.56 -7.21
CA PHE B 22 3.99 4.78 -7.96
C PHE B 22 3.96 5.22 -9.42
N HIS B 23 5.10 5.66 -9.94
CA HIS B 23 5.21 6.03 -11.34
C HIS B 23 6.59 5.66 -11.84
N ASP B 24 6.65 5.27 -13.11
CA ASP B 24 7.90 4.97 -13.81
C ASP B 24 8.92 4.34 -12.87
N ARG B 25 8.51 3.24 -12.23
CA ARG B 25 9.38 2.29 -11.54
C ARG B 25 9.60 2.64 -10.06
N ARG B 26 9.09 3.76 -9.56
CA ARG B 26 9.50 4.20 -8.25
C ARG B 26 8.36 4.94 -7.57
N TRP B 27 8.41 4.93 -6.23
CA TRP B 27 7.48 5.69 -5.41
C TRP B 27 7.99 7.11 -5.26
N GLY B 28 7.06 8.06 -5.28
CA GLY B 28 7.39 9.47 -5.15
C GLY B 28 6.25 10.18 -4.47
N THR B 29 6.55 11.37 -3.94
CA THR B 29 5.58 12.10 -3.14
C THR B 29 4.80 13.08 -4.02
N VAL B 30 3.89 13.81 -3.37
CA VAL B 30 3.02 14.79 -4.04
C VAL B 30 3.16 16.12 -3.30
N CYS B 31 3.33 17.19 -4.06
CA CYS B 31 3.51 18.52 -3.48
C CYS B 31 2.17 19.09 -3.03
N ASP B 32 2.24 19.94 -2.01
CA ASP B 32 1.04 20.51 -1.39
C ASP B 32 0.49 21.74 -2.11
N ASP B 33 1.18 22.26 -3.14
CA ASP B 33 0.70 23.45 -3.82
C ASP B 33 -0.70 23.20 -4.36
N GLY B 34 -1.71 23.85 -3.81
CA GLY B 34 -3.07 23.59 -4.24
C GLY B 34 -3.62 22.27 -3.76
N TRP B 35 -3.02 21.69 -2.72
CA TRP B 35 -3.51 20.45 -2.14
C TRP B 35 -4.68 20.79 -1.22
N ASP B 36 -5.87 20.29 -1.55
CA ASP B 36 -7.10 20.70 -0.87
C ASP B 36 -7.99 19.47 -0.71
N LYS B 37 -9.24 19.73 -0.29
CA LYS B 37 -10.12 18.63 0.08
C LYS B 37 -10.69 17.89 -1.13
N LYS B 38 -10.77 18.56 -2.28
CA LYS B 38 -11.17 17.85 -3.50
C LYS B 38 -10.16 16.75 -3.82
N ASP B 39 -8.88 17.10 -3.84
CA ASP B 39 -7.84 16.10 -4.07
C ASP B 39 -7.86 15.03 -3.00
N GLY B 40 -8.03 15.43 -1.73
CA GLY B 40 -8.09 14.46 -0.66
C GLY B 40 -9.25 13.49 -0.83
N ASP B 41 -10.41 14.00 -1.23
CA ASP B 41 -11.55 13.13 -1.49
C ASP B 41 -11.25 12.13 -2.59
N VAL B 42 -10.62 12.60 -3.67
CA VAL B 42 -10.29 11.71 -4.78
C VAL B 42 -9.35 10.60 -4.30
N VAL B 43 -8.30 10.98 -3.58
CA VAL B 43 -7.35 10.00 -3.08
C VAL B 43 -8.04 8.99 -2.16
N CYS B 44 -8.87 9.49 -1.25
CA CYS B 44 -9.45 8.60 -0.24
C CYS B 44 -10.45 7.66 -0.87
N ARG B 45 -11.11 8.08 -1.95
CA ARG B 45 -12.11 7.21 -2.58
C ARG B 45 -11.49 6.24 -3.56
N MET B 46 -10.39 6.59 -4.23
CA MET B 46 -9.71 5.60 -5.06
C MET B 46 -9.11 4.47 -4.22
N LEU B 47 -8.82 4.72 -2.95
CA LEU B 47 -8.28 3.70 -2.06
C LEU B 47 -9.37 2.89 -1.38
N GLY B 48 -10.63 3.30 -1.44
CA GLY B 48 -11.73 2.53 -0.89
C GLY B 48 -12.38 3.10 0.36
N PHE B 49 -11.90 4.23 0.86
CA PHE B 49 -12.55 4.89 1.99
C PHE B 49 -13.66 5.78 1.46
N HIS B 50 -14.68 5.95 2.30
CA HIS B 50 -15.96 6.64 2.00
C HIS B 50 -15.77 8.12 1.77
N GLY B 51 -14.82 8.72 2.49
CA GLY B 51 -14.54 10.14 2.28
C GLY B 51 -13.21 10.50 2.84
N VAL B 52 -12.95 11.80 2.89
CA VAL B 52 -11.70 12.36 3.40
C VAL B 52 -12.01 13.13 4.68
N GLU B 53 -11.24 12.85 5.71
CA GLU B 53 -11.35 13.55 6.98
C GLU B 53 -10.54 14.84 6.92
N GLU B 54 -9.34 14.86 6.32
CA GLU B 54 -8.47 16.03 6.42
C GLU B 54 -7.35 15.94 5.40
N VAL B 55 -6.88 17.11 4.97
CA VAL B 55 -5.68 17.23 4.15
C VAL B 55 -4.65 18.02 4.94
N TYR B 56 -3.38 17.71 4.70
CA TYR B 56 -2.28 18.37 5.38
C TYR B 56 -1.25 18.81 4.35
N ARG B 57 -0.67 19.97 4.57
CA ARG B 57 0.45 20.47 3.80
C ARG B 57 1.71 20.41 4.63
N THR B 58 2.84 20.82 4.03
CA THR B 58 4.10 20.98 4.74
C THR B 58 4.49 19.71 5.51
N ALA B 59 4.40 18.59 4.81
CA ALA B 59 4.96 17.32 5.28
C ALA B 59 4.54 17.05 6.72
N ARG B 60 3.24 16.98 6.92
CA ARG B 60 2.55 16.66 8.18
C ARG B 60 3.09 15.33 8.70
N PHE B 61 3.30 14.42 7.79
CA PHE B 61 3.74 13.07 8.10
C PHE B 61 5.18 12.83 7.68
N GLY B 62 6.03 13.82 7.89
CA GLY B 62 7.43 13.72 7.57
C GLY B 62 7.71 13.90 6.10
N GLN B 63 8.98 14.11 5.79
CA GLN B 63 9.43 14.33 4.43
C GLN B 63 9.70 12.99 3.75
N GLY B 64 9.07 12.77 2.60
CA GLY B 64 9.43 11.65 1.77
C GLY B 64 10.84 11.83 1.25
N THR B 65 11.29 10.89 0.41
CA THR B 65 12.59 11.00 -0.24
C THR B 65 12.41 10.68 -1.72
N GLY B 66 13.50 10.71 -2.47
CA GLY B 66 13.42 10.44 -3.89
C GLY B 66 12.59 11.49 -4.61
N ARG B 67 11.84 11.04 -5.62
CA ARG B 67 11.17 11.94 -6.54
C ARG B 67 9.89 12.50 -5.92
N ILE B 68 9.61 13.77 -6.19
CA ILE B 68 8.26 14.32 -6.09
C ILE B 68 7.62 14.15 -7.46
N TRP B 69 6.59 13.32 -7.55
CA TRP B 69 6.09 12.96 -8.87
C TRP B 69 5.00 13.90 -9.39
N MET B 70 4.19 14.46 -8.49
CA MET B 70 3.05 15.30 -8.88
C MET B 70 3.11 16.65 -8.17
N ASP B 71 2.64 17.68 -8.88
CA ASP B 71 2.59 19.05 -8.38
C ASP B 71 1.39 19.75 -9.01
N ASP B 72 0.86 20.75 -8.32
CA ASP B 72 -0.28 21.54 -8.81
C ASP B 72 -1.49 20.65 -9.09
N VAL B 73 -1.77 19.73 -8.17
CA VAL B 73 -2.86 18.78 -8.36
C VAL B 73 -4.19 19.49 -8.20
N ASN B 74 -5.04 19.45 -9.21
CA ASN B 74 -6.27 20.26 -9.23
C ASN B 74 -7.41 19.32 -9.59
N CYS B 75 -7.73 18.47 -8.66
CA CYS B 75 -8.88 17.58 -8.79
C CYS B 75 -10.18 18.39 -8.69
N LYS B 76 -11.17 17.99 -9.48
CA LYS B 76 -12.52 18.54 -9.30
C LYS B 76 -13.16 18.01 -8.02
N GLY B 77 -12.71 16.85 -7.54
CA GLY B 77 -13.33 16.18 -6.41
C GLY B 77 -14.27 15.06 -6.79
N THR B 78 -14.46 14.81 -8.09
CA THR B 78 -15.37 13.78 -8.57
C THR B 78 -14.65 12.54 -9.10
N GLU B 79 -13.34 12.59 -9.23
CA GLU B 79 -12.61 11.64 -10.05
C GLU B 79 -12.55 10.27 -9.39
N SER B 80 -12.38 9.25 -10.23
CA SER B 80 -12.21 7.87 -9.76
C SER B 80 -10.78 7.60 -9.36
N SER B 81 -9.82 8.23 -10.04
CA SER B 81 -8.40 8.07 -9.73
C SER B 81 -7.74 9.45 -9.71
N ILE B 82 -6.76 9.60 -8.81
CA ILE B 82 -6.07 10.88 -8.75
C ILE B 82 -5.43 11.19 -10.09
N PHE B 83 -4.97 10.16 -10.82
CA PHE B 83 -4.28 10.38 -12.09
C PHE B 83 -5.20 10.88 -13.18
N HIS B 84 -6.52 10.79 -12.99
CA HIS B 84 -7.46 11.42 -13.91
C HIS B 84 -7.58 12.92 -13.66
N CYS B 85 -7.05 13.40 -12.55
CA CYS B 85 -7.10 14.82 -12.24
C CYS B 85 -6.13 15.59 -13.11
N GLN B 86 -6.42 16.89 -13.25
CA GLN B 86 -5.46 17.81 -13.82
C GLN B 86 -4.32 18.03 -12.84
N PHE B 87 -3.09 17.83 -13.30
CA PHE B 87 -1.94 18.10 -12.46
C PHE B 87 -0.73 18.34 -13.36
N SER B 88 0.42 18.51 -12.73
CA SER B 88 1.65 18.81 -13.46
C SER B 88 2.00 17.67 -14.38
N LYS B 89 3.07 17.84 -15.12
CA LYS B 89 3.70 16.73 -15.80
C LYS B 89 4.46 15.91 -14.77
N TRP B 90 4.60 14.61 -15.07
CA TRP B 90 5.26 13.73 -14.13
C TRP B 90 6.65 14.25 -13.79
N GLY B 91 6.90 14.40 -12.50
CA GLY B 91 8.20 14.77 -12.00
C GLY B 91 8.58 16.23 -12.20
N VAL B 92 7.69 17.06 -12.74
CA VAL B 92 7.98 18.47 -12.97
C VAL B 92 7.29 19.26 -11.86
N THR B 93 8.05 19.63 -10.85
CA THR B 93 7.53 20.41 -9.73
C THR B 93 8.49 21.56 -9.42
N ASN B 94 7.93 22.56 -8.74
CA ASN B 94 8.70 23.66 -8.16
C ASN B 94 8.69 23.56 -6.63
N CYS B 95 8.90 22.36 -6.10
CA CYS B 95 8.77 22.11 -4.68
C CYS B 95 9.97 21.38 -4.10
N GLY B 96 10.01 21.30 -2.78
CA GLY B 96 10.89 20.42 -2.05
C GLY B 96 10.09 19.48 -1.16
N HIS B 97 10.67 18.35 -0.75
CA HIS B 97 9.93 17.39 0.06
C HIS B 97 9.36 18.01 1.33
N ALA B 98 9.88 19.15 1.75
CA ALA B 98 9.28 19.87 2.87
C ALA B 98 7.81 20.19 2.62
N GLU B 99 7.36 20.03 1.36
CA GLU B 99 5.99 20.35 0.98
C GLU B 99 5.17 19.09 0.65
N ASP B 100 5.63 17.93 1.10
CA ASP B 100 4.96 16.68 0.75
C ASP B 100 3.57 16.64 1.38
N ALA B 101 2.56 16.40 0.55
CA ALA B 101 1.18 16.44 1.00
C ALA B 101 0.80 15.17 1.76
N GLY B 102 -0.14 15.33 2.70
CA GLY B 102 -0.67 14.21 3.44
C GLY B 102 -2.16 14.31 3.54
N VAL B 103 -2.79 13.20 3.96
CA VAL B 103 -4.24 13.16 4.04
C VAL B 103 -4.59 12.21 5.19
N THR B 104 -5.77 12.40 5.78
CA THR B 104 -6.41 11.39 6.64
C THR B 104 -7.78 11.10 6.06
N CYS B 105 -8.05 9.82 5.78
CA CYS B 105 -9.31 9.40 5.18
C CYS B 105 -10.31 8.93 6.22
N THR B 106 -11.58 8.86 5.82
CA THR B 106 -12.65 8.40 6.69
C THR B 106 -12.54 6.89 6.88
N SER B 107 -12.33 6.46 8.12
CA SER B 107 -12.14 5.05 8.41
C SER B 107 -12.91 4.69 9.67
N HIS B 108 -13.35 3.43 9.72
CA HIS B 108 -14.06 2.88 10.87
C HIS B 108 -13.32 1.60 11.29
N HIS B 109 -12.56 1.70 12.37
CA HIS B 109 -11.55 0.71 12.72
C HIS B 109 -12.14 -0.55 13.32
C1 NAG C . 14.60 -6.07 -1.33
C2 NAG C . 15.66 -6.48 -2.35
C3 NAG C . 16.85 -7.07 -1.57
C4 NAG C . 17.31 -6.10 -0.49
C5 NAG C . 16.13 -5.56 0.33
C6 NAG C . 16.49 -4.43 1.25
C7 NAG C . 15.40 -7.26 -4.65
C8 NAG C . 14.87 -8.31 -5.56
N2 NAG C . 15.18 -7.43 -3.35
O3 NAG C . 17.92 -7.40 -2.45
O4 NAG C . 18.20 -6.76 0.40
O5 NAG C . 15.09 -5.06 -0.52
O6 NAG C . 15.34 -3.66 1.56
O7 NAG C . 16.00 -6.28 -5.10
CA CA D . 10.40 -21.75 6.85
CA CA E . 5.63 -22.18 11.61
CA CA F . -0.62 -22.45 2.85
C1 NAG G . 6.45 10.52 9.96
C2 NAG G . 6.32 11.13 11.36
C3 NAG G . 7.40 12.19 11.52
C4 NAG G . 8.77 11.61 11.19
C5 NAG G . 8.75 10.81 9.87
C6 NAG G . 10.00 10.02 9.61
C7 NAG G . 4.32 11.41 12.75
C8 NAG G . 2.98 12.08 12.89
N2 NAG G . 5.00 11.68 11.63
O3 NAG G . 7.39 12.73 12.84
O4 NAG G . 9.72 12.67 11.05
O5 NAG G . 7.68 9.87 9.85
O6 NAG G . 9.72 8.94 8.73
O7 NAG G . 4.75 10.64 13.60
CA CA H . 3.80 24.69 -1.02
CA CA I . 3.78 24.21 -7.81
CA CA J . -6.35 20.96 -5.81
#